data_5MCA
#
_entry.id   5MCA
#
_cell.length_a   49.640
_cell.length_b   57.193
_cell.length_c   64.566
_cell.angle_alpha   90.00
_cell.angle_beta   90.00
_cell.angle_gamma   90.00
#
_symmetry.space_group_name_H-M   'P 21 21 21'
#
loop_
_entity.id
_entity.type
_entity.pdbx_description
1 polymer 'Protein FimH'
2 non-polymer 'SULFATE ION'
3 water water
#
_entity_poly.entity_id   1
_entity_poly.type   'polypeptide(L)'
_entity_poly.pdbx_seq_one_letter_code
;FACKTANGTAIPIGGGSANVYVNLAPVVNVGQNLVVDLSTQIFCHNDYPETITDYVTLQPGSAYGGVLSNFSGTVKYSGS
SYPFPTTSETPRVVYNSRTDKPWPVALYLTPVSSAGGVAIKAGSLIAVLILRQTNNYNSDDFQFVWNIYANNDVVVPTG
;
_entity_poly.pdbx_strand_id   A
#
loop_
_chem_comp.id
_chem_comp.type
_chem_comp.name
_chem_comp.formula
SO4 non-polymer 'SULFATE ION' 'O4 S -2'
#
# COMPACT_ATOMS: atom_id res chain seq x y z
N PHE A 1 10.77 -5.15 10.95
CA PHE A 1 10.03 -4.61 9.77
C PHE A 1 10.33 -3.14 9.68
N ALA A 2 11.24 -2.80 8.76
CA ALA A 2 11.72 -1.44 8.60
C ALA A 2 11.69 -1.09 7.12
N CYS A 3 11.00 -0.02 6.78
CA CYS A 3 10.75 0.32 5.38
C CYS A 3 11.24 1.71 5.03
N LYS A 4 11.34 1.95 3.72
CA LYS A 4 11.69 3.25 3.18
C LYS A 4 11.09 3.37 1.80
N THR A 5 11.01 4.61 1.31
CA THR A 5 10.53 4.82 -0.04
C THR A 5 11.67 4.75 -1.06
N ALA A 6 11.29 4.65 -2.34
CA ALA A 6 12.27 4.61 -3.41
C ALA A 6 13.10 5.90 -3.44
N ASN A 7 12.54 7.02 -3.00
CA ASN A 7 13.29 8.26 -2.87
C ASN A 7 14.30 8.23 -1.72
N GLY A 8 14.21 7.23 -0.84
CA GLY A 8 15.14 7.08 0.25
C GLY A 8 14.62 7.56 1.60
N THR A 9 13.34 7.87 1.71
CA THR A 9 12.80 8.43 2.95
C THR A 9 12.38 7.31 3.88
N ALA A 10 12.88 7.37 5.11
CA ALA A 10 12.54 6.40 6.13
C ALA A 10 11.07 6.45 6.47
N ILE A 11 10.51 5.27 6.74
CA ILE A 11 9.16 5.10 7.26
C ILE A 11 9.25 4.70 8.73
N PRO A 12 8.50 5.32 9.64
CA PRO A 12 8.60 4.97 11.07
C PRO A 12 8.37 3.50 11.35
N ILE A 13 8.99 3.02 12.42
CA ILE A 13 8.86 1.63 12.86
C ILE A 13 8.15 1.56 14.21
N GLY A 14 7.85 0.33 14.62
CA GLY A 14 7.40 0.07 15.98
C GLY A 14 6.00 0.51 16.32
N GLY A 15 5.16 0.77 15.32
CA GLY A 15 3.80 1.18 15.57
C GLY A 15 3.52 2.63 15.25
N GLY A 16 4.54 3.40 14.88
CA GLY A 16 4.28 4.76 14.46
C GLY A 16 3.61 4.78 13.10
N SER A 17 2.69 5.75 12.92
CA SER A 17 2.08 5.98 11.62
C SER A 17 2.93 6.94 10.78
N ALA A 18 2.61 7.01 9.49
CA ALA A 18 3.53 7.61 8.53
C ALA A 18 2.77 8.36 7.43
N ASN A 19 3.41 9.38 6.90
CA ASN A 19 3.04 9.98 5.62
C ASN A 19 4.09 9.55 4.59
N VAL A 20 3.66 8.82 3.58
CA VAL A 20 4.53 8.09 2.68
C VAL A 20 4.31 8.66 1.28
N TYR A 21 5.33 9.31 0.73
CA TYR A 21 5.24 9.96 -0.58
C TYR A 21 5.80 9.05 -1.66
N VAL A 22 5.00 8.75 -2.68
CA VAL A 22 5.36 7.77 -3.70
C VAL A 22 5.11 8.33 -5.09
N ASN A 23 5.88 7.84 -6.05
CA ASN A 23 5.61 8.10 -7.47
C ASN A 23 4.63 7.06 -7.98
N LEU A 24 3.68 7.48 -8.81
CA LEU A 24 2.74 6.52 -9.35
C LEU A 24 2.69 6.63 -10.86
N ALA A 25 2.25 5.55 -11.48
CA ALA A 25 2.19 5.44 -12.94
C ALA A 25 0.94 4.66 -13.28
N PRO A 26 -0.23 5.31 -13.19
CA PRO A 26 -1.49 4.59 -13.46
C PRO A 26 -1.55 4.08 -14.89
N VAL A 27 -2.23 2.95 -15.08
CA VAL A 27 -2.39 2.38 -16.41
C VAL A 27 -3.80 1.81 -16.56
N VAL A 28 -4.39 2.01 -17.72
CA VAL A 28 -5.66 1.36 -18.01
C VAL A 28 -5.39 -0.07 -18.41
N ASN A 29 -6.18 -1.00 -17.89
CA ASN A 29 -6.10 -2.40 -18.24
C ASN A 29 -7.50 -2.91 -18.53
N VAL A 30 -7.58 -4.07 -19.17
CA VAL A 30 -8.86 -4.77 -19.25
C VAL A 30 -9.31 -5.07 -17.83
N GLY A 31 -10.50 -4.62 -17.50
CA GLY A 31 -10.95 -4.71 -16.12
C GLY A 31 -10.24 -3.67 -15.25
N GLN A 32 -9.74 -4.13 -14.12
CA GLN A 32 -9.12 -3.26 -13.12
C GLN A 32 -8.01 -2.38 -13.70
N ASN A 33 -8.03 -1.09 -13.38
CA ASN A 33 -6.98 -0.17 -13.80
C ASN A 33 -5.99 0.03 -12.65
N LEU A 34 -4.70 0.09 -13.00
CA LEU A 34 -3.68 0.29 -11.97
C LEU A 34 -3.67 1.76 -11.54
N VAL A 35 -3.76 1.99 -10.24
CA VAL A 35 -3.57 3.33 -9.67
C VAL A 35 -2.10 3.51 -9.29
N VAL A 36 -1.58 2.64 -8.43
CA VAL A 36 -0.17 2.71 -8.02
C VAL A 36 0.33 1.34 -7.66
N ASP A 37 1.49 0.99 -8.19
CA ASP A 37 2.21 -0.22 -7.81
C ASP A 37 3.17 0.19 -6.70
N LEU A 38 2.78 -0.06 -5.45
CA LEU A 38 3.63 0.33 -4.33
C LEU A 38 4.85 -0.56 -4.21
N SER A 39 4.86 -1.70 -4.87
CA SER A 39 6.03 -2.58 -4.83
C SER A 39 7.23 -1.99 -5.55
N THR A 40 7.06 -0.91 -6.32
CA THR A 40 8.19 -0.19 -6.88
C THR A 40 8.57 1.03 -6.05
N GLN A 41 7.85 1.29 -4.96
CA GLN A 41 7.96 2.54 -4.23
C GLN A 41 8.28 2.37 -2.76
N ILE A 42 8.01 1.21 -2.17
CA ILE A 42 8.21 0.98 -0.75
C ILE A 42 8.97 -0.32 -0.60
N PHE A 43 10.09 -0.27 0.11
CA PHE A 43 11.02 -1.38 0.28
C PHE A 43 11.24 -1.60 1.76
N CYS A 44 11.29 -2.87 2.17
CA CYS A 44 11.25 -3.24 3.58
C CYS A 44 12.22 -4.37 3.87
N HIS A 45 12.71 -4.40 5.12
CA HIS A 45 13.54 -5.51 5.57
C HIS A 45 13.32 -5.74 7.06
N ASN A 46 14.03 -6.74 7.59
CA ASN A 46 14.00 -7.12 9.00
C ASN A 46 15.42 -6.98 9.54
N ASP A 47 15.62 -6.09 10.52
CA ASP A 47 16.97 -5.84 11.05
C ASP A 47 17.45 -6.88 12.08
N TYR A 48 16.60 -7.81 12.49
CA TYR A 48 16.98 -8.79 13.50
C TYR A 48 16.50 -10.18 13.12
N PRO A 49 16.76 -10.63 11.88
CA PRO A 49 16.13 -11.88 11.42
C PRO A 49 16.55 -13.10 12.19
N GLU A 50 17.73 -13.09 12.82
CA GLU A 50 18.16 -14.25 13.59
C GLU A 50 17.27 -14.46 14.80
N THR A 51 16.77 -13.37 15.40
CA THR A 51 16.02 -13.48 16.64
C THR A 51 14.52 -13.39 16.46
N ILE A 52 14.02 -12.90 15.32
CA ILE A 52 12.57 -12.71 15.18
C ILE A 52 12.21 -12.68 13.71
N THR A 53 11.05 -13.24 13.38
CA THR A 53 10.46 -13.16 12.05
C THR A 53 9.25 -12.25 12.10
N ASP A 54 9.16 -11.34 11.13
CA ASP A 54 8.07 -10.38 11.08
C ASP A 54 6.97 -10.86 10.13
N TYR A 55 5.72 -10.62 10.52
CA TYR A 55 4.55 -10.82 9.69
C TYR A 55 3.79 -9.52 9.57
N VAL A 56 3.34 -9.19 8.35
CA VAL A 56 2.59 -7.96 8.12
C VAL A 56 1.35 -8.27 7.30
N THR A 57 0.21 -7.76 7.75
CA THR A 57 -1.05 -7.86 7.02
C THR A 57 -1.60 -6.47 6.76
N LEU A 58 -2.46 -6.38 5.74
CA LEU A 58 -3.28 -5.21 5.48
C LEU A 58 -4.63 -5.42 6.16
N GLN A 59 -5.07 -4.41 6.92
CA GLN A 59 -6.24 -4.52 7.77
C GLN A 59 -7.49 -4.01 7.09
N PRO A 60 -8.66 -4.43 7.56
CA PRO A 60 -9.91 -3.87 7.05
C PRO A 60 -9.97 -2.37 7.30
N GLY A 61 -10.66 -1.69 6.40
CA GLY A 61 -10.77 -0.25 6.45
C GLY A 61 -9.73 0.47 5.62
N SER A 62 -8.78 -0.24 5.03
CA SER A 62 -7.85 0.40 4.13
C SER A 62 -8.61 0.84 2.87
N ALA A 63 -8.31 2.04 2.37
CA ALA A 63 -9.20 2.64 1.38
C ALA A 63 -8.49 3.77 0.64
N TYR A 64 -9.09 4.17 -0.48
CA TYR A 64 -8.60 5.35 -1.15
C TYR A 64 -8.95 6.61 -0.35
N GLY A 65 -8.22 7.68 -0.62
CA GLY A 65 -8.46 8.96 -0.01
C GLY A 65 -8.38 10.06 -1.06
N GLY A 66 -8.52 11.30 -0.58
CA GLY A 66 -8.46 12.44 -1.47
C GLY A 66 -9.49 12.35 -2.58
N VAL A 67 -9.06 12.68 -3.79
CA VAL A 67 -9.98 12.70 -4.93
C VAL A 67 -10.44 11.32 -5.35
N LEU A 68 -9.79 10.26 -4.86
CA LEU A 68 -10.23 8.89 -5.12
C LEU A 68 -11.08 8.31 -4.01
N SER A 69 -11.52 9.12 -3.03
CA SER A 69 -12.22 8.60 -1.85
CA SER A 69 -12.18 8.56 -1.86
C SER A 69 -13.44 7.76 -2.22
N ASN A 70 -14.16 8.15 -3.27
CA ASN A 70 -15.41 7.45 -3.54
C ASN A 70 -15.25 6.20 -4.40
N PHE A 71 -14.03 5.81 -4.75
CA PHE A 71 -13.84 4.73 -5.70
C PHE A 71 -13.55 3.41 -5.01
N SER A 72 -14.01 2.33 -5.63
CA SER A 72 -13.66 0.99 -5.21
CA SER A 72 -13.68 0.97 -5.21
C SER A 72 -12.76 0.35 -6.24
N GLY A 73 -12.19 -0.79 -5.86
CA GLY A 73 -11.29 -1.51 -6.73
C GLY A 73 -10.79 -2.78 -6.06
N THR A 74 -9.50 -3.06 -6.22
CA THR A 74 -8.87 -4.22 -5.65
C THR A 74 -7.46 -3.86 -5.19
N VAL A 75 -6.96 -4.64 -4.25
CA VAL A 75 -5.56 -4.58 -3.82
C VAL A 75 -4.94 -5.92 -4.11
N LYS A 76 -3.83 -5.92 -4.83
CA LYS A 76 -3.04 -7.13 -4.99
C LYS A 76 -1.99 -7.10 -3.90
N TYR A 77 -2.04 -8.09 -3.03
CA TYR A 77 -1.18 -8.23 -1.85
C TYR A 77 -0.48 -9.57 -1.96
N SER A 78 0.82 -9.54 -2.25
CA SER A 78 1.65 -10.74 -2.30
C SER A 78 1.05 -11.80 -3.24
N GLY A 79 0.67 -11.34 -4.42
CA GLY A 79 0.31 -12.27 -5.50
C GLY A 79 -1.14 -12.69 -5.54
N SER A 80 -1.99 -12.14 -4.67
CA SER A 80 -3.41 -12.42 -4.66
C SER A 80 -4.18 -11.11 -4.62
N SER A 81 -5.37 -11.09 -5.22
CA SER A 81 -6.17 -9.89 -5.24
C SER A 81 -7.33 -9.98 -4.25
N TYR A 82 -7.67 -8.82 -3.68
CA TYR A 82 -8.72 -8.70 -2.66
C TYR A 82 -9.52 -7.44 -2.91
N PRO A 83 -10.78 -7.42 -2.48
CA PRO A 83 -11.56 -6.18 -2.63
C PRO A 83 -10.90 -5.02 -1.93
N PHE A 84 -11.08 -3.84 -2.51
CA PHE A 84 -10.60 -2.59 -1.93
C PHE A 84 -11.71 -1.56 -2.11
N PRO A 85 -12.11 -0.85 -1.04
CA PRO A 85 -11.57 -0.84 0.32
C PRO A 85 -11.72 -2.20 0.98
N THR A 86 -10.80 -2.50 1.88
CA THR A 86 -10.75 -3.84 2.44
C THR A 86 -11.82 -4.02 3.51
N THR A 87 -12.43 -5.20 3.51
CA THR A 87 -13.42 -5.58 4.51
C THR A 87 -12.99 -6.81 5.30
N SER A 88 -11.77 -7.28 5.11
CA SER A 88 -11.20 -8.41 5.84
C SER A 88 -9.70 -8.17 5.96
N GLU A 89 -9.04 -9.02 6.74
CA GLU A 89 -7.58 -8.95 6.91
C GLU A 89 -6.91 -9.84 5.88
N THR A 90 -5.87 -9.32 5.21
CA THR A 90 -5.16 -10.19 4.29
C THR A 90 -4.35 -11.25 5.03
N PRO A 91 -3.96 -12.31 4.33
CA PRO A 91 -2.89 -13.19 4.82
C PRO A 91 -1.60 -12.41 5.07
N ARG A 92 -0.66 -13.08 5.72
CA ARG A 92 0.59 -12.44 6.15
C ARG A 92 1.65 -12.46 5.06
N VAL A 93 2.41 -11.37 4.97
CA VAL A 93 3.70 -11.37 4.28
C VAL A 93 4.79 -11.53 5.33
N VAL A 94 5.81 -12.34 5.02
CA VAL A 94 6.90 -12.64 5.94
C VAL A 94 8.10 -11.77 5.61
N TYR A 95 8.76 -11.23 6.64
CA TYR A 95 10.04 -10.55 6.50
C TYR A 95 11.06 -11.23 7.41
N ASN A 96 12.07 -11.85 6.79
CA ASN A 96 13.05 -12.66 7.52
C ASN A 96 14.47 -12.40 7.03
N SER A 97 14.73 -11.21 6.51
CA SER A 97 16.04 -10.90 5.94
C SER A 97 16.32 -9.41 6.08
N ARG A 98 17.61 -9.09 6.20
CA ARG A 98 18.07 -7.70 6.21
C ARG A 98 18.10 -7.09 4.81
N THR A 99 17.92 -7.87 3.77
CA THR A 99 17.96 -7.35 2.40
C THR A 99 16.62 -6.74 2.00
N ASP A 100 16.64 -5.48 1.57
CA ASP A 100 15.40 -4.81 1.18
C ASP A 100 14.69 -5.57 0.07
N LYS A 101 13.40 -5.75 0.25
CA LYS A 101 12.54 -6.30 -0.79
C LYS A 101 11.26 -5.47 -0.82
N PRO A 102 10.52 -5.53 -1.92
CA PRO A 102 9.31 -4.71 -2.02
C PRO A 102 8.25 -5.03 -0.97
N TRP A 103 7.44 -4.04 -0.69
CA TRP A 103 6.18 -4.30 -0.03
C TRP A 103 5.27 -4.69 -1.19
N PRO A 104 4.82 -5.90 -1.25
CA PRO A 104 4.25 -6.41 -2.51
C PRO A 104 2.78 -6.03 -2.65
N VAL A 105 2.53 -4.74 -2.88
CA VAL A 105 1.20 -4.19 -2.87
C VAL A 105 0.97 -3.33 -4.10
N ALA A 106 -0.16 -3.53 -4.76
CA ALA A 106 -0.58 -2.65 -5.85
C ALA A 106 -2.07 -2.36 -5.71
N LEU A 107 -2.45 -1.12 -5.98
CA LEU A 107 -3.82 -0.66 -5.83
C LEU A 107 -4.43 -0.44 -7.20
N TYR A 108 -5.64 -1.00 -7.39
CA TYR A 108 -6.37 -0.95 -8.64
C TYR A 108 -7.75 -0.34 -8.42
N LEU A 109 -8.33 0.13 -9.52
CA LEU A 109 -9.60 0.82 -9.51
C LEU A 109 -10.59 0.14 -10.43
N THR A 110 -11.83 -0.02 -9.98
CA THR A 110 -12.89 -0.59 -10.80
C THR A 110 -13.40 0.44 -11.79
N PRO A 111 -13.45 0.11 -13.08
CA PRO A 111 -14.01 1.05 -14.06
C PRO A 111 -15.44 1.42 -13.73
N VAL A 112 -15.70 2.71 -13.67
CA VAL A 112 -17.03 3.23 -13.41
C VAL A 112 -17.49 4.24 -14.44
N SER A 113 -16.64 4.63 -15.38
CA SER A 113 -16.98 5.61 -16.40
C SER A 113 -16.70 5.00 -17.75
N SER A 114 -17.10 5.74 -18.77
CA SER A 114 -16.65 5.53 -20.12
C SER A 114 -15.50 6.51 -20.36
N ALA A 115 -14.29 6.00 -20.20
CA ALA A 115 -13.06 6.66 -20.60
C ALA A 115 -12.74 7.87 -19.75
N GLY A 116 -13.31 7.97 -18.55
CA GLY A 116 -13.03 9.10 -17.68
C GLY A 116 -11.64 9.02 -17.06
N GLY A 117 -11.29 10.08 -16.34
CA GLY A 117 -10.04 10.08 -15.60
C GLY A 117 -10.11 11.09 -14.48
N VAL A 118 -9.24 10.89 -13.49
CA VAL A 118 -9.14 11.75 -12.33
C VAL A 118 -7.70 12.22 -12.20
N ALA A 119 -7.51 13.53 -12.14
CA ALA A 119 -6.19 14.09 -11.96
C ALA A 119 -5.76 14.02 -10.50
N ILE A 120 -4.57 13.49 -10.26
CA ILE A 120 -3.96 13.46 -8.93
C ILE A 120 -2.79 14.44 -8.95
N LYS A 121 -2.87 15.43 -8.07
CA LYS A 121 -1.82 16.43 -7.93
C LYS A 121 -0.69 15.94 -7.03
N ALA A 122 0.53 16.33 -7.36
CA ALA A 122 1.63 16.11 -6.44
C ALA A 122 1.28 16.69 -5.08
N GLY A 123 1.58 15.93 -4.04
CA GLY A 123 1.30 16.31 -2.67
C GLY A 123 -0.06 15.92 -2.14
N SER A 124 -0.94 15.38 -2.98
CA SER A 124 -2.28 15.03 -2.55
C SER A 124 -2.36 13.58 -2.06
N LEU A 125 -3.35 13.33 -1.22
CA LEU A 125 -3.55 12.01 -0.64
C LEU A 125 -4.16 11.05 -1.66
N ILE A 126 -3.60 9.84 -1.73
CA ILE A 126 -4.09 8.77 -2.61
C ILE A 126 -4.87 7.71 -1.83
N ALA A 127 -4.36 7.32 -0.68
CA ALA A 127 -4.91 6.16 0.02
C ALA A 127 -4.48 6.21 1.47
N VAL A 128 -5.26 5.53 2.31
CA VAL A 128 -4.97 5.37 3.73
C VAL A 128 -4.95 3.88 4.00
N LEU A 129 -3.78 3.33 4.26
CA LEU A 129 -3.59 1.91 4.46
C LEU A 129 -3.35 1.61 5.93
N ILE A 130 -3.99 0.57 6.43
CA ILE A 130 -3.87 0.15 7.82
C ILE A 130 -3.12 -1.17 7.84
N LEU A 131 -2.01 -1.22 8.56
CA LEU A 131 -1.14 -2.39 8.62
C LEU A 131 -1.15 -2.98 10.03
N ARG A 132 -0.92 -4.28 10.12
CA ARG A 132 -0.80 -4.96 11.40
C ARG A 132 0.43 -5.84 11.38
N GLN A 133 1.28 -5.67 12.38
CA GLN A 133 2.56 -6.37 12.45
C GLN A 133 2.56 -7.34 13.64
N THR A 134 2.94 -8.57 13.36
CA THR A 134 3.11 -9.61 14.38
C THR A 134 4.44 -10.31 14.15
N ASN A 135 4.73 -11.34 14.93
CA ASN A 135 5.99 -12.06 14.77
C ASN A 135 5.82 -13.48 15.28
N ASN A 136 6.88 -14.26 15.17
CA ASN A 136 6.78 -15.70 15.44
C ASN A 136 7.00 -16.07 16.90
N TYR A 137 7.93 -15.42 17.59
CA TYR A 137 8.28 -15.82 18.95
C TYR A 137 7.77 -14.82 20.01
N ASN A 138 6.87 -13.93 19.65
CA ASN A 138 6.39 -12.95 20.62
C ASN A 138 4.89 -12.75 20.45
N SER A 139 4.30 -12.08 21.43
CA SER A 139 2.91 -11.67 21.41
C SER A 139 2.73 -10.24 20.95
N ASP A 140 3.82 -9.52 20.67
CA ASP A 140 3.71 -8.17 20.12
C ASP A 140 2.77 -8.20 18.92
N ASP A 141 1.86 -7.23 18.90
CA ASP A 141 0.80 -7.20 17.91
C ASP A 141 0.27 -5.77 17.89
N PHE A 142 0.63 -5.02 16.86
CA PHE A 142 0.24 -3.62 16.80
C PHE A 142 -0.13 -3.21 15.39
N GLN A 143 -0.92 -2.15 15.32
CA GLN A 143 -1.44 -1.65 14.06
C GLN A 143 -0.98 -0.21 13.88
N PHE A 144 -0.87 0.21 12.63
CA PHE A 144 -0.45 1.56 12.31
C PHE A 144 -0.94 1.93 10.92
N VAL A 145 -0.86 3.22 10.60
CA VAL A 145 -1.47 3.78 9.40
C VAL A 145 -0.38 4.36 8.50
N TRP A 146 -0.46 4.06 7.21
CA TRP A 146 0.34 4.68 6.18
C TRP A 146 -0.59 5.51 5.31
N ASN A 147 -0.41 6.84 5.37
CA ASN A 147 -1.10 7.74 4.47
C ASN A 147 -0.23 7.89 3.23
N ILE A 148 -0.76 7.46 2.08
CA ILE A 148 -0.01 7.39 0.84
C ILE A 148 -0.30 8.66 0.05
N TYR A 149 0.73 9.46 -0.20
CA TYR A 149 0.63 10.72 -0.91
C TYR A 149 1.34 10.63 -2.25
N ALA A 150 0.84 11.37 -3.24
CA ALA A 150 1.49 11.42 -4.54
C ALA A 150 2.70 12.33 -4.54
N ASN A 151 3.78 11.86 -5.18
CA ASN A 151 4.98 12.66 -5.45
C ASN A 151 4.89 13.42 -6.76
N ASN A 152 4.03 12.99 -7.69
CA ASN A 152 4.00 13.47 -9.05
C ASN A 152 2.55 13.64 -9.51
N ASP A 153 2.35 14.51 -10.51
CA ASP A 153 1.04 14.71 -11.11
C ASP A 153 0.76 13.58 -12.10
N VAL A 154 -0.40 12.94 -11.98
CA VAL A 154 -0.79 11.88 -12.91
C VAL A 154 -2.29 11.97 -13.18
N VAL A 155 -2.72 11.19 -14.17
CA VAL A 155 -4.12 10.99 -14.51
C VAL A 155 -4.43 9.53 -14.25
N VAL A 156 -5.39 9.27 -13.37
CA VAL A 156 -5.84 7.91 -13.06
C VAL A 156 -7.02 7.62 -13.98
N PRO A 157 -6.95 6.58 -14.81
CA PRO A 157 -8.10 6.26 -15.68
C PRO A 157 -9.20 5.56 -14.88
N THR A 158 -10.45 5.94 -15.14
CA THR A 158 -11.57 5.34 -14.43
C THR A 158 -12.48 4.58 -15.37
N GLY A 159 -12.04 4.36 -16.61
CA GLY A 159 -12.87 3.71 -17.62
C GLY A 159 -12.37 2.33 -17.99
S SO4 B . -7.77 -11.16 15.65
O1 SO4 B . -8.07 -10.31 14.50
O2 SO4 B . -6.76 -12.15 15.28
O3 SO4 B . -7.25 -10.33 16.74
O4 SO4 B . -8.98 -11.83 16.10
#